data_6PNQ
#
_entry.id   6PNQ
#
_cell.length_a   71.962
_cell.length_b   61.443
_cell.length_c   79.392
_cell.angle_alpha   90.000
_cell.angle_beta   106.220
_cell.angle_gamma   90.000
#
_symmetry.space_group_name_H-M   'C 1 2 1'
#
loop_
_entity.id
_entity.type
_entity.pdbx_description
1 polymer Neurexin-1
2 polymer Neurexophilin-1
3 water water
#
loop_
_entity_poly.entity_id
_entity_poly.type
_entity_poly.pdbx_seq_one_letter_code
_entity_poly.pdbx_strand_id
1 'polypeptide(L)'
;DASIATFKGSEYFCYDLSQNPIQSSSDEITLSFKTLQRNGLMLHTGKSADYVNLALKNGAVSLVINLGSGAFEALVEPVN
GKFNDNAWHDVKVTRNLRQHSGIGHAMVTISVDGILTTTGYTQEDYTMLGSDDFFYVGGSPSTADLPGSPVSNNFMGCLK
EVVYKNNDVRLELSRLAKQGDPKMKIHGVVAFKCAALEVLFQ
;
A
2 'polypeptide(L)'
;DAAQPAARDFGWGDFHSNIKTVKLNLLITGKIVDHGDGTFSVYFRHDSTGQGDVSVSLVPPTKIVEFDLAQQTVIDAKDS
KSFNCRIEYEKVDKATKNTLCNYDPSKTCYQEQTQSHVSWLCSKPFKVICIYISFYSTDYKLVQKVCPDYNYHSDTPYFP
SGLEVLFQ
;
B
#
# COMPACT_ATOMS: atom_id res chain seq x y z
N ASP A 1 3.58 12.66 -26.89
CA ASP A 1 2.86 11.42 -26.60
C ASP A 1 3.32 10.83 -25.27
N ALA A 2 2.84 9.62 -24.96
CA ALA A 2 3.18 8.99 -23.69
C ALA A 2 4.66 8.62 -23.66
N SER A 3 5.24 8.72 -22.47
CA SER A 3 6.63 8.34 -22.24
C SER A 3 6.65 6.93 -21.68
N ILE A 4 7.24 5.99 -22.44
CA ILE A 4 7.23 4.58 -22.11
C ILE A 4 8.65 4.03 -22.24
N ALA A 5 8.92 2.96 -21.51
CA ALA A 5 10.21 2.28 -21.59
C ALA A 5 10.00 0.80 -21.31
N THR A 6 10.79 -0.03 -22.00
CA THR A 6 10.78 -1.48 -21.84
C THR A 6 12.04 -1.90 -21.10
N PHE A 7 11.87 -2.50 -19.93
CA PHE A 7 12.98 -3.00 -19.13
C PHE A 7 13.09 -4.51 -19.32
N LYS A 8 14.31 -5.00 -19.51
CA LYS A 8 14.53 -6.40 -19.82
C LYS A 8 15.19 -7.16 -18.67
N GLY A 9 15.28 -6.57 -17.49
CA GLY A 9 15.78 -7.25 -16.31
C GLY A 9 17.17 -6.85 -15.90
N SER A 10 17.90 -6.12 -16.74
CA SER A 10 19.24 -5.64 -16.43
C SER A 10 19.34 -4.13 -16.56
N GLU A 11 18.21 -3.43 -16.57
CA GLU A 11 18.18 -2.00 -16.78
C GLU A 11 17.34 -1.33 -15.71
N TYR A 12 17.61 -0.06 -15.49
CA TYR A 12 16.83 0.75 -14.55
C TYR A 12 17.26 2.20 -14.72
N PHE A 13 16.35 3.10 -14.35
CA PHE A 13 16.67 4.52 -14.33
C PHE A 13 17.09 4.89 -12.91
N CYS A 14 17.96 5.90 -12.83
CA CYS A 14 18.44 6.40 -11.55
C CYS A 14 18.43 7.93 -11.62
N TYR A 15 17.47 8.54 -10.93
CA TYR A 15 17.36 9.99 -10.88
C TYR A 15 18.00 10.47 -9.58
N ASP A 16 18.96 11.39 -9.70
CA ASP A 16 19.72 11.87 -8.56
C ASP A 16 18.97 12.99 -7.85
N LEU A 17 18.77 12.84 -6.54
CA LEU A 17 18.05 13.81 -5.73
C LEU A 17 18.94 14.54 -4.73
N SER A 18 20.26 14.39 -4.85
CA SER A 18 21.16 14.94 -3.83
C SER A 18 21.22 16.46 -3.90
N GLN A 19 21.40 17.01 -5.11
CA GLN A 19 21.55 18.46 -5.24
C GLN A 19 20.25 19.19 -4.91
N ASN A 20 19.15 18.73 -5.49
CA ASN A 20 17.85 19.35 -5.27
C ASN A 20 17.00 18.42 -4.41
N PRO A 21 17.22 18.39 -3.09
CA PRO A 21 16.46 17.46 -2.25
C PRO A 21 14.98 17.83 -2.20
N ILE A 22 14.14 16.80 -2.28
CA ILE A 22 12.69 16.98 -2.23
C ILE A 22 12.25 16.94 -0.78
N GLN A 23 11.38 17.88 -0.40
CA GLN A 23 10.84 17.93 0.95
C GLN A 23 9.44 18.52 0.89
N SER A 24 8.45 17.78 1.39
CA SER A 24 7.07 18.20 1.28
C SER A 24 6.21 17.43 2.28
N SER A 25 5.06 18.02 2.61
CA SER A 25 4.11 17.40 3.51
C SER A 25 3.24 16.36 2.83
N SER A 26 3.14 16.40 1.50
CA SER A 26 2.39 15.40 0.76
C SER A 26 3.11 15.10 -0.55
N ASP A 27 2.91 13.88 -1.06
CA ASP A 27 3.43 13.55 -2.37
C ASP A 27 2.50 12.54 -3.03
N GLU A 28 2.79 12.27 -4.29
CA GLU A 28 1.93 11.44 -5.13
C GLU A 28 2.80 10.78 -6.19
N ILE A 29 2.57 9.50 -6.41
CA ILE A 29 3.29 8.71 -7.40
C ILE A 29 2.26 8.03 -8.28
N THR A 30 2.41 8.17 -9.60
CA THR A 30 1.54 7.48 -10.55
C THR A 30 2.38 6.79 -11.60
N LEU A 31 1.87 5.67 -12.10
CA LEU A 31 2.51 4.98 -13.22
C LEU A 31 1.54 3.94 -13.75
N SER A 32 1.82 3.49 -14.96
CA SER A 32 1.18 2.32 -15.55
C SER A 32 2.25 1.27 -15.85
N PHE A 33 1.92 0.01 -15.60
CA PHE A 33 2.84 -1.08 -15.89
C PHE A 33 2.15 -2.17 -16.72
N LYS A 34 2.96 -2.90 -17.46
CA LYS A 34 2.52 -4.07 -18.22
C LYS A 34 3.62 -5.11 -18.11
N THR A 35 3.27 -6.34 -17.77
CA THR A 35 4.31 -7.32 -17.53
C THR A 35 3.73 -8.73 -17.54
N LEU A 36 4.62 -9.67 -17.84
CA LEU A 36 4.35 -11.09 -17.71
C LEU A 36 5.09 -11.73 -16.55
N GLN A 37 6.00 -11.01 -15.88
N GLN A 37 5.97 -11.00 -15.86
CA GLN A 37 6.79 -11.59 -14.81
CA GLN A 37 6.80 -11.58 -14.81
C GLN A 37 6.09 -11.43 -13.48
C GLN A 37 6.14 -11.40 -13.45
N ARG A 38 6.31 -12.41 -12.60
CA ARG A 38 5.64 -12.41 -11.30
C ARG A 38 6.32 -11.47 -10.30
N ASN A 39 7.63 -11.25 -10.43
CA ASN A 39 8.38 -10.48 -9.45
C ASN A 39 9.27 -9.46 -10.15
N GLY A 40 9.30 -8.24 -9.60
CA GLY A 40 10.20 -7.22 -10.11
C GLY A 40 9.95 -5.87 -9.48
N LEU A 41 11.02 -5.09 -9.31
CA LEU A 41 10.92 -3.77 -8.70
C LEU A 41 10.51 -2.73 -9.74
N MET A 42 9.45 -1.97 -9.44
N MET A 42 9.43 -2.00 -9.45
CA MET A 42 9.00 -0.93 -10.36
CA MET A 42 8.98 -0.93 -10.32
C MET A 42 9.59 0.44 -9.99
C MET A 42 9.66 0.40 -9.99
N LEU A 43 9.68 0.77 -8.71
CA LEU A 43 10.37 1.99 -8.32
C LEU A 43 10.63 1.98 -6.82
N HIS A 44 11.70 2.69 -6.45
CA HIS A 44 12.04 2.91 -5.06
C HIS A 44 12.67 4.29 -4.91
N THR A 45 12.24 5.02 -3.88
CA THR A 45 12.81 6.33 -3.58
C THR A 45 12.92 6.47 -2.07
N GLY A 46 14.13 6.75 -1.59
CA GLY A 46 14.37 6.94 -0.18
C GLY A 46 15.28 5.89 0.43
N LYS A 47 16.53 6.25 0.64
CA LYS A 47 17.47 5.37 1.35
C LYS A 47 17.68 5.94 2.74
N SER A 48 16.58 6.27 3.41
CA SER A 48 16.63 6.94 4.70
C SER A 48 15.37 6.55 5.47
N ALA A 49 14.97 7.39 6.43
CA ALA A 49 13.77 7.10 7.21
C ALA A 49 12.55 6.97 6.31
N ASP A 50 12.38 7.91 5.39
CA ASP A 50 11.23 7.92 4.50
C ASP A 50 11.54 7.17 3.20
N TYR A 51 10.56 6.44 2.69
CA TYR A 51 10.75 5.73 1.43
C TYR A 51 9.43 5.18 0.92
N VAL A 52 9.41 4.92 -0.38
CA VAL A 52 8.30 4.27 -1.06
C VAL A 52 8.89 3.18 -1.94
N ASN A 53 8.36 1.96 -1.82
CA ASN A 53 8.81 0.82 -2.61
C ASN A 53 7.59 0.24 -3.30
N LEU A 54 7.62 0.20 -4.63
CA LEU A 54 6.50 -0.28 -5.41
C LEU A 54 7.00 -1.39 -6.32
N ALA A 55 6.41 -2.57 -6.19
CA ALA A 55 6.93 -3.72 -6.91
C ALA A 55 5.81 -4.68 -7.22
N LEU A 56 6.10 -5.62 -8.11
CA LEU A 56 5.27 -6.80 -8.29
C LEU A 56 5.87 -7.90 -7.44
N LYS A 57 5.03 -8.57 -6.67
CA LYS A 57 5.45 -9.66 -5.80
C LYS A 57 4.48 -10.82 -5.97
N ASN A 58 4.95 -11.91 -6.58
CA ASN A 58 4.12 -13.08 -6.85
C ASN A 58 2.84 -12.68 -7.60
N GLY A 59 3.00 -11.79 -8.58
CA GLY A 59 1.91 -11.36 -9.42
C GLY A 59 1.00 -10.31 -8.82
N ALA A 60 1.26 -9.89 -7.59
CA ALA A 60 0.47 -8.88 -6.90
C ALA A 60 1.26 -7.58 -6.82
N VAL A 61 0.54 -6.47 -6.77
CA VAL A 61 1.18 -5.19 -6.52
C VAL A 61 1.51 -5.08 -5.04
N SER A 62 2.78 -4.89 -4.73
CA SER A 62 3.29 -4.73 -3.36
C SER A 62 3.70 -3.29 -3.14
N LEU A 63 3.18 -2.68 -2.08
CA LEU A 63 3.57 -1.33 -1.69
C LEU A 63 4.11 -1.39 -0.27
N VAL A 64 5.32 -0.86 -0.08
CA VAL A 64 5.92 -0.73 1.24
C VAL A 64 6.41 0.71 1.38
N ILE A 65 5.93 1.40 2.41
CA ILE A 65 6.28 2.81 2.57
C ILE A 65 6.50 3.13 4.05
N ASN A 66 7.36 4.11 4.29
CA ASN A 66 7.43 4.79 5.57
C ASN A 66 6.52 6.02 5.52
N LEU A 67 5.83 6.26 6.63
CA LEU A 67 4.82 7.31 6.71
C LEU A 67 5.08 8.08 8.00
N GLY A 68 6.05 8.98 7.96
CA GLY A 68 6.42 9.71 9.15
C GLY A 68 6.95 8.77 10.21
N SER A 69 6.26 8.70 11.34
CA SER A 69 6.66 7.80 12.42
C SER A 69 6.21 6.37 12.20
N GLY A 70 5.48 6.09 11.12
CA GLY A 70 4.86 4.81 10.91
C GLY A 70 5.29 4.14 9.61
N ALA A 71 4.83 2.91 9.45
CA ALA A 71 5.12 2.12 8.28
C ALA A 71 3.82 1.51 7.77
N PHE A 72 3.77 1.27 6.48
CA PHE A 72 2.56 0.78 5.83
C PHE A 72 2.97 -0.20 4.75
N GLU A 73 2.29 -1.34 4.70
CA GLU A 73 2.52 -2.32 3.65
C GLU A 73 1.19 -2.84 3.14
N ALA A 74 1.05 -2.91 1.82
CA ALA A 74 -0.14 -3.45 1.19
C ALA A 74 0.25 -4.43 0.09
N LEU A 75 -0.62 -5.41 -0.13
CA LEU A 75 -0.51 -6.34 -1.24
C LEU A 75 -1.87 -6.38 -1.92
N VAL A 76 -1.88 -6.18 -3.25
CA VAL A 76 -3.12 -6.03 -4.02
C VAL A 76 -3.11 -6.96 -5.21
N GLU A 77 -4.27 -7.53 -5.53
CA GLU A 77 -4.35 -8.58 -6.55
C GLU A 77 -5.77 -8.77 -7.05
N PRO A 78 -5.98 -9.04 -8.34
CA PRO A 78 -7.33 -9.41 -8.78
C PRO A 78 -7.68 -10.81 -8.28
N VAL A 79 -8.97 -11.09 -8.21
CA VAL A 79 -9.40 -12.43 -7.82
C VAL A 79 -9.49 -13.28 -9.08
N ASN A 80 -9.08 -14.54 -8.96
CA ASN A 80 -9.04 -15.44 -10.11
C ASN A 80 -8.15 -14.90 -11.21
N GLY A 81 -7.12 -14.13 -10.83
CA GLY A 81 -6.23 -13.54 -11.81
C GLY A 81 -5.04 -12.90 -11.14
N LYS A 82 -4.08 -12.50 -11.96
CA LYS A 82 -2.90 -11.79 -11.51
C LYS A 82 -2.71 -10.55 -12.37
N PHE A 83 -1.87 -9.64 -11.88
CA PHE A 83 -1.57 -8.42 -12.61
C PHE A 83 -0.49 -8.60 -13.68
N ASN A 84 0.22 -9.72 -13.69
CA ASN A 84 1.17 -10.00 -14.77
C ASN A 84 0.49 -10.72 -15.94
N ASP A 85 -0.61 -10.14 -16.43
CA ASP A 85 -1.41 -10.72 -17.49
C ASP A 85 -1.19 -10.05 -18.83
N ASN A 86 -0.09 -9.30 -18.97
CA ASN A 86 0.25 -8.63 -20.21
C ASN A 86 -0.74 -7.53 -20.57
N ALA A 87 -1.35 -6.89 -19.58
CA ALA A 87 -2.25 -5.77 -19.82
C ALA A 87 -1.82 -4.60 -18.95
N TRP A 88 -2.15 -3.39 -19.40
CA TRP A 88 -1.79 -2.20 -18.65
C TRP A 88 -2.58 -2.13 -17.35
N HIS A 89 -1.89 -1.75 -16.28
CA HIS A 89 -2.51 -1.53 -14.99
C HIS A 89 -2.05 -0.19 -14.45
N ASP A 90 -2.98 0.57 -13.90
CA ASP A 90 -2.71 1.93 -13.43
C ASP A 90 -2.56 1.95 -11.92
N VAL A 91 -1.49 2.56 -11.44
CA VAL A 91 -1.19 2.62 -10.01
C VAL A 91 -1.08 4.08 -9.60
N LYS A 92 -1.62 4.40 -8.42
CA LYS A 92 -1.51 5.72 -7.85
C LYS A 92 -1.32 5.58 -6.35
N VAL A 93 -0.32 6.28 -5.81
CA VAL A 93 -0.03 6.28 -4.39
C VAL A 93 0.09 7.73 -3.93
N THR A 94 -0.70 8.09 -2.92
CA THR A 94 -0.62 9.42 -2.33
C THR A 94 -0.33 9.28 -0.84
N ARG A 95 0.48 10.21 -0.34
CA ARG A 95 0.84 10.29 1.06
C ARG A 95 0.66 11.72 1.52
N ASN A 96 0.09 11.89 2.71
CA ASN A 96 -0.19 13.22 3.22
C ASN A 96 0.05 13.23 4.73
N LEU A 97 0.75 14.26 5.20
CA LEU A 97 0.96 14.46 6.62
C LEU A 97 0.28 15.72 7.14
N ARG A 98 -0.49 16.41 6.30
CA ARG A 98 -1.23 17.58 6.75
C ARG A 98 -2.16 17.21 7.90
N GLN A 99 -2.51 18.21 8.70
CA GLN A 99 -3.35 18.00 9.88
C GLN A 99 -4.80 18.33 9.58
N GLY A 104 -1.70 16.93 13.82
CA GLY A 104 -1.14 16.23 12.69
C GLY A 104 -2.01 15.04 12.29
N HIS A 105 -1.95 14.66 11.01
CA HIS A 105 -2.77 13.57 10.50
C HIS A 105 -2.06 12.91 9.34
N ALA A 106 -1.91 11.60 9.42
CA ALA A 106 -1.23 10.83 8.39
C ALA A 106 -2.27 10.09 7.55
N MET A 107 -2.06 10.09 6.24
CA MET A 107 -3.04 9.58 5.29
C MET A 107 -2.28 8.97 4.11
N VAL A 108 -2.59 7.71 3.81
N VAL A 108 -2.57 7.71 3.81
CA VAL A 108 -2.02 7.01 2.67
CA VAL A 108 -2.01 7.05 2.63
C VAL A 108 -3.15 6.47 1.83
C VAL A 108 -3.17 6.51 1.80
N THR A 109 -3.03 6.63 0.52
N THR A 109 -3.04 6.64 0.49
CA THR A 109 -3.98 6.09 -0.44
CA THR A 109 -4.01 6.09 -0.45
C THR A 109 -3.20 5.34 -1.52
C THR A 109 -3.24 5.37 -1.56
N ILE A 110 -3.74 4.20 -1.94
CA ILE A 110 -3.21 3.48 -3.09
C ILE A 110 -4.40 2.95 -3.87
N SER A 111 -4.36 3.14 -5.19
CA SER A 111 -5.33 2.54 -6.09
C SER A 111 -4.58 1.73 -7.14
N VAL A 112 -5.12 0.55 -7.45
CA VAL A 112 -4.71 -0.22 -8.61
C VAL A 112 -5.98 -0.56 -9.37
N ASP A 113 -6.10 -0.05 -10.59
CA ASP A 113 -7.32 -0.27 -11.38
C ASP A 113 -8.56 -0.04 -10.54
N GLY A 114 -9.39 -1.06 -10.34
CA GLY A 114 -10.68 -0.84 -9.70
C GLY A 114 -10.75 -1.04 -8.21
N ILE A 115 -9.62 -0.98 -7.50
CA ILE A 115 -9.64 -1.05 -6.04
C ILE A 115 -8.85 0.11 -5.47
N LEU A 116 -9.42 0.76 -4.47
CA LEU A 116 -8.85 1.94 -3.83
C LEU A 116 -8.91 1.73 -2.33
N THR A 117 -7.81 2.02 -1.65
CA THR A 117 -7.80 2.00 -0.19
C THR A 117 -7.23 3.32 0.32
N THR A 118 -7.95 3.93 1.26
CA THR A 118 -7.52 5.16 1.92
C THR A 118 -7.46 4.87 3.41
N THR A 119 -6.27 5.06 3.99
CA THR A 119 -6.05 4.77 5.40
C THR A 119 -5.37 5.95 6.08
N GLY A 120 -5.81 6.27 7.28
CA GLY A 120 -5.24 7.41 7.97
C GLY A 120 -5.44 7.33 9.46
N TYR A 121 -4.79 8.25 10.16
CA TYR A 121 -4.91 8.31 11.60
C TYR A 121 -4.32 9.63 12.08
N THR A 122 -4.82 10.09 13.22
N THR A 122 -4.82 10.10 13.22
CA THR A 122 -4.27 11.26 13.89
CA THR A 122 -4.26 11.31 13.81
C THR A 122 -2.89 10.92 14.44
C THR A 122 -2.93 10.98 14.47
N GLN A 123 -1.91 11.76 14.13
CA GLN A 123 -0.55 11.56 14.62
C GLN A 123 0.00 12.93 14.98
N GLU A 124 0.22 13.16 16.28
CA GLU A 124 0.58 14.50 16.74
C GLU A 124 1.90 14.95 16.14
N ASP A 125 2.96 14.16 16.33
CA ASP A 125 4.28 14.55 15.86
C ASP A 125 4.44 14.19 14.39
N TYR A 126 5.39 14.86 13.74
CA TYR A 126 5.26 15.12 12.30
C TYR A 126 6.62 15.48 11.72
N THR A 127 6.96 14.83 10.58
CA THR A 127 8.22 15.05 9.89
C THR A 127 7.96 15.43 8.44
N MET A 128 8.89 15.14 7.52
CA MET A 128 8.74 15.51 6.12
C MET A 128 8.89 14.29 5.24
N LEU A 129 8.26 14.37 4.06
CA LEU A 129 8.39 13.33 3.04
C LEU A 129 9.49 13.69 2.05
N GLY A 130 10.03 12.68 1.41
CA GLY A 130 11.10 12.84 0.42
C GLY A 130 12.41 12.28 0.93
N SER A 131 13.46 12.53 0.14
CA SER A 131 14.80 12.09 0.50
C SER A 131 15.79 12.71 -0.47
N ASP A 132 17.05 12.71 -0.05
CA ASP A 132 18.16 13.12 -0.90
C ASP A 132 18.80 11.95 -1.63
N ASP A 133 18.26 10.75 -1.46
CA ASP A 133 18.77 9.57 -2.14
C ASP A 133 18.17 9.44 -3.53
N PHE A 134 18.78 8.60 -4.35
CA PHE A 134 18.40 8.45 -5.74
C PHE A 134 16.96 7.91 -5.85
N PHE A 135 16.40 8.12 -7.03
CA PHE A 135 15.09 7.60 -7.42
C PHE A 135 15.33 6.50 -8.45
N TYR A 136 14.93 5.27 -8.11
CA TYR A 136 15.17 4.13 -8.98
C TYR A 136 13.86 3.71 -9.64
N VAL A 137 13.94 3.44 -10.95
CA VAL A 137 12.78 3.01 -11.74
C VAL A 137 13.18 1.79 -12.56
N GLY A 138 12.40 0.72 -12.43
CA GLY A 138 12.61 -0.48 -13.21
C GLY A 138 13.65 -1.43 -12.67
N GLY A 139 14.32 -1.07 -11.58
CA GLY A 139 15.37 -1.91 -11.03
C GLY A 139 16.26 -1.08 -10.13
N SER A 140 17.35 -1.71 -9.68
CA SER A 140 18.27 -1.05 -8.77
C SER A 140 19.59 -1.82 -8.78
N PRO A 141 20.68 -1.18 -8.35
CA PRO A 141 21.97 -1.87 -8.32
C PRO A 141 21.94 -3.09 -7.41
N SER A 142 22.69 -4.13 -7.82
CA SER A 142 22.69 -5.39 -7.10
C SER A 142 23.17 -5.24 -5.67
N THR A 143 24.12 -4.34 -5.43
CA THR A 143 24.69 -4.12 -4.11
C THR A 143 24.03 -2.99 -3.36
N ALA A 144 22.88 -2.51 -3.81
CA ALA A 144 22.18 -1.42 -3.15
C ALA A 144 21.28 -1.99 -2.05
N ASP A 145 21.42 -1.46 -0.85
CA ASP A 145 20.58 -1.86 0.28
C ASP A 145 19.38 -0.91 0.30
N LEU A 146 18.28 -1.35 -0.32
CA LEU A 146 17.10 -0.51 -0.43
C LEU A 146 16.12 -0.87 0.68
N PRO A 147 15.86 0.03 1.63
CA PRO A 147 14.93 -0.31 2.72
C PRO A 147 13.54 -0.61 2.17
N GLY A 148 12.83 -1.49 2.89
CA GLY A 148 11.45 -1.79 2.57
C GLY A 148 11.24 -2.41 1.20
N SER A 149 12.26 -3.05 0.63
CA SER A 149 12.13 -3.66 -0.68
C SER A 149 11.98 -5.17 -0.52
N PRO A 150 10.79 -5.74 -0.74
CA PRO A 150 10.65 -7.20 -0.60
C PRO A 150 11.20 -8.00 -1.77
N VAL A 151 11.40 -7.38 -2.94
CA VAL A 151 11.88 -8.10 -4.11
C VAL A 151 13.27 -7.59 -4.47
N SER A 152 14.05 -8.44 -5.11
CA SER A 152 15.38 -8.08 -5.59
C SER A 152 15.49 -8.14 -7.10
N ASN A 153 14.52 -8.72 -7.80
CA ASN A 153 14.54 -8.72 -9.26
C ASN A 153 14.35 -7.31 -9.79
N ASN A 154 15.10 -6.98 -10.85
CA ASN A 154 14.74 -5.83 -11.66
C ASN A 154 13.47 -6.13 -12.45
N PHE A 155 12.80 -5.06 -12.88
CA PHE A 155 11.57 -5.21 -13.62
C PHE A 155 11.82 -5.77 -15.02
N MET A 156 10.89 -6.58 -15.49
CA MET A 156 10.87 -7.06 -16.88
C MET A 156 9.48 -6.75 -17.42
N GLY A 157 9.38 -5.69 -18.22
CA GLY A 157 8.09 -5.29 -18.75
C GLY A 157 8.13 -3.83 -19.13
N CYS A 158 6.95 -3.24 -19.20
CA CYS A 158 6.79 -1.86 -19.66
C CYS A 158 6.32 -0.98 -18.53
N LEU A 159 6.94 0.19 -18.40
CA LEU A 159 6.52 1.20 -17.46
C LEU A 159 6.22 2.47 -18.25
N LYS A 160 5.11 3.11 -17.91
CA LYS A 160 4.57 4.22 -18.66
C LYS A 160 4.21 5.33 -17.70
N GLU A 161 4.57 6.55 -18.08
CA GLU A 161 4.14 7.76 -17.38
C GLU A 161 4.43 7.68 -15.88
N VAL A 162 5.64 7.24 -15.54
CA VAL A 162 6.07 7.27 -14.15
C VAL A 162 6.23 8.72 -13.75
N VAL A 163 5.54 9.14 -12.69
CA VAL A 163 5.51 10.53 -12.28
C VAL A 163 5.57 10.61 -10.76
N TYR A 164 6.39 11.54 -10.25
CA TYR A 164 6.45 11.88 -8.85
C TYR A 164 6.13 13.36 -8.72
N LYS A 165 5.22 13.70 -7.81
CA LYS A 165 4.89 15.10 -7.58
C LYS A 165 4.67 15.33 -6.09
N ASN A 166 5.05 16.52 -5.64
CA ASN A 166 4.74 16.97 -4.28
C ASN A 166 4.24 18.41 -4.39
N ASN A 167 4.32 19.15 -3.29
CA ASN A 167 3.81 20.52 -3.25
C ASN A 167 4.71 21.51 -3.97
N ASP A 168 5.90 21.09 -4.39
CA ASP A 168 6.87 22.00 -4.99
C ASP A 168 7.17 21.69 -6.45
N VAL A 169 7.35 20.42 -6.79
CA VAL A 169 7.81 20.03 -8.12
C VAL A 169 7.03 18.80 -8.58
N ARG A 170 7.06 18.59 -9.89
CA ARG A 170 6.47 17.41 -10.52
C ARG A 170 7.49 16.82 -11.48
N LEU A 171 8.02 15.65 -11.14
CA LEU A 171 9.06 15.00 -11.93
C LEU A 171 8.43 13.95 -12.85
N GLU A 172 8.56 14.15 -14.16
CA GLU A 172 8.07 13.19 -15.15
C GLU A 172 9.22 12.27 -15.52
N LEU A 173 9.41 11.25 -14.68
CA LEU A 173 10.63 10.44 -14.75
C LEU A 173 10.71 9.67 -16.06
N SER A 174 9.60 9.08 -16.51
CA SER A 174 9.61 8.35 -17.78
C SER A 174 9.98 9.28 -18.93
N ARG A 175 9.38 10.48 -18.96
CA ARG A 175 9.68 11.42 -20.03
C ARG A 175 11.12 11.90 -19.93
N LEU A 176 11.57 12.28 -18.73
CA LEU A 176 12.95 12.70 -18.54
C LEU A 176 13.92 11.65 -19.04
N ALA A 177 13.65 10.39 -18.76
CA ALA A 177 14.48 9.30 -19.28
C ALA A 177 14.46 9.29 -20.80
N LYS A 178 13.26 9.38 -21.38
CA LYS A 178 13.13 9.30 -22.84
C LYS A 178 13.82 10.48 -23.52
N GLN A 179 13.82 11.65 -22.90
CA GLN A 179 14.35 12.86 -23.51
C GLN A 179 15.77 13.16 -23.05
N GLY A 180 16.04 13.04 -21.75
CA GLY A 180 17.35 13.29 -21.22
C GLY A 180 17.38 14.42 -20.22
N ASP A 181 18.14 14.25 -19.15
CA ASP A 181 18.31 15.27 -18.12
C ASP A 181 19.64 15.02 -17.45
N PRO A 182 20.34 16.07 -17.00
CA PRO A 182 21.63 15.86 -16.33
C PRO A 182 21.52 15.00 -15.08
N LYS A 183 20.36 14.99 -14.42
CA LYS A 183 20.16 14.20 -13.21
C LYS A 183 19.72 12.77 -13.49
N MET A 184 19.24 12.49 -14.71
CA MET A 184 18.76 11.16 -15.05
C MET A 184 19.87 10.34 -15.65
N LYS A 185 20.10 9.16 -15.08
CA LYS A 185 21.09 8.22 -15.57
C LYS A 185 20.41 6.87 -15.78
N ILE A 186 20.78 6.19 -16.86
CA ILE A 186 20.20 4.91 -17.22
C ILE A 186 21.28 3.84 -17.13
N HIS A 187 21.00 2.77 -16.39
CA HIS A 187 21.88 1.60 -16.38
C HIS A 187 21.43 0.67 -17.50
N GLY A 188 22.31 0.43 -18.46
CA GLY A 188 21.95 -0.37 -19.61
C GLY A 188 21.21 0.46 -20.66
N VAL A 189 20.62 -0.25 -21.61
CA VAL A 189 19.93 0.36 -22.74
C VAL A 189 18.51 -0.16 -22.78
N VAL A 190 17.56 0.76 -22.94
CA VAL A 190 16.15 0.42 -23.04
C VAL A 190 15.55 1.13 -24.25
N ALA A 191 14.61 0.46 -24.91
CA ALA A 191 13.83 1.09 -25.96
C ALA A 191 12.70 1.87 -25.32
N PHE A 192 12.49 3.11 -25.78
CA PHE A 192 11.47 3.97 -25.20
C PHE A 192 10.12 3.74 -25.87
N LYS A 193 9.73 2.47 -25.84
CA LYS A 193 8.42 2.01 -26.26
C LYS A 193 8.07 0.79 -25.42
N CYS A 194 6.96 0.14 -25.75
CA CYS A 194 6.56 -1.09 -25.08
C CYS A 194 6.67 -2.23 -26.09
N ALA A 195 7.79 -2.96 -26.02
CA ALA A 195 8.02 -4.07 -26.94
C ALA A 195 7.19 -5.28 -26.52
N ALA A 196 6.89 -6.13 -27.51
CA ALA A 196 6.06 -7.31 -27.28
C ALA A 196 6.72 -8.23 -26.25
N LEU A 197 6.28 -8.13 -25.00
CA LEU A 197 6.83 -8.97 -23.94
C LEU A 197 6.60 -10.45 -24.23
N GLU A 198 5.48 -10.78 -24.88
CA GLU A 198 5.19 -12.14 -25.30
C GLU A 198 6.24 -12.67 -26.27
N PHE B 10 0.59 7.05 22.86
CA PHE B 10 0.60 5.98 21.88
C PHE B 10 1.11 6.45 20.53
N GLY B 11 1.13 7.76 20.33
CA GLY B 11 1.57 8.33 19.09
C GLY B 11 0.53 8.31 17.98
N TRP B 12 -0.71 7.92 18.26
CA TRP B 12 -1.73 7.94 17.24
C TRP B 12 -3.09 7.62 17.84
N GLY B 13 -4.13 7.97 17.08
CA GLY B 13 -5.50 7.67 17.46
C GLY B 13 -6.41 7.90 16.28
N ASP B 14 -7.70 7.67 16.52
CA ASP B 14 -8.76 7.89 15.52
C ASP B 14 -8.35 7.34 14.16
N PHE B 15 -8.06 6.05 14.16
CA PHE B 15 -7.72 5.35 12.93
C PHE B 15 -8.95 5.21 12.05
N HIS B 16 -8.75 5.33 10.75
CA HIS B 16 -9.82 5.13 9.78
C HIS B 16 -9.25 4.53 8.50
N SER B 17 -10.07 3.69 7.86
CA SER B 17 -9.67 3.07 6.62
C SER B 17 -10.91 2.79 5.79
N ASN B 18 -10.80 3.00 4.49
CA ASN B 18 -11.84 2.70 3.52
C ASN B 18 -11.19 1.90 2.40
N ILE B 19 -11.75 0.73 2.08
CA ILE B 19 -11.35 -0.06 0.92
C ILE B 19 -12.59 -0.21 0.05
N LYS B 20 -12.46 0.20 -1.22
CA LYS B 20 -13.61 0.35 -2.11
C LYS B 20 -13.35 -0.32 -3.46
N THR B 21 -14.25 -1.20 -3.87
CA THR B 21 -14.43 -1.61 -5.26
C THR B 21 -15.91 -1.48 -5.59
N VAL B 22 -16.27 -1.67 -6.86
CA VAL B 22 -17.69 -1.63 -7.21
C VAL B 22 -18.45 -2.80 -6.59
N LYS B 23 -17.76 -3.84 -6.12
CA LYS B 23 -18.44 -5.00 -5.54
C LYS B 23 -18.47 -5.00 -4.02
N LEU B 24 -17.60 -4.23 -3.37
CA LEU B 24 -17.57 -4.24 -1.91
C LEU B 24 -16.98 -2.94 -1.42
N ASN B 25 -17.65 -2.32 -0.45
CA ASN B 25 -17.18 -1.13 0.22
C ASN B 25 -16.99 -1.45 1.70
N LEU B 26 -15.82 -1.14 2.23
CA LEU B 26 -15.47 -1.42 3.62
C LEU B 26 -15.05 -0.13 4.31
N LEU B 27 -15.66 0.16 5.46
CA LEU B 27 -15.32 1.32 6.28
C LEU B 27 -14.96 0.84 7.68
N ILE B 28 -13.77 1.26 8.15
CA ILE B 28 -13.24 0.86 9.44
C ILE B 28 -12.90 2.11 10.25
N THR B 29 -13.18 2.08 11.54
CA THR B 29 -12.61 3.04 12.47
C THR B 29 -11.99 2.31 13.65
N GLY B 30 -10.92 2.89 14.19
CA GLY B 30 -10.29 2.36 15.38
C GLY B 30 -10.03 3.46 16.39
N LYS B 31 -10.23 3.12 17.66
CA LYS B 31 -10.06 4.05 18.77
C LYS B 31 -9.31 3.40 19.91
N ILE B 32 -8.42 4.16 20.56
CA ILE B 32 -7.61 3.68 21.67
C ILE B 32 -8.06 4.34 22.97
N VAL B 33 -8.24 3.55 24.02
CA VAL B 33 -8.59 4.07 25.34
C VAL B 33 -7.57 3.57 26.35
N ASP B 34 -6.80 4.49 26.92
CA ASP B 34 -5.86 4.15 27.98
C ASP B 34 -6.60 4.11 29.32
N HIS B 35 -6.63 2.94 29.95
CA HIS B 35 -7.34 2.80 31.20
C HIS B 35 -6.55 3.29 32.41
N GLY B 36 -5.29 3.69 32.24
CA GLY B 36 -4.52 4.21 33.35
C GLY B 36 -4.15 3.19 34.40
N ASP B 37 -4.21 1.90 34.06
CA ASP B 37 -3.87 0.84 34.99
C ASP B 37 -2.86 -0.14 34.40
N GLY B 38 -2.07 0.29 33.42
CA GLY B 38 -1.20 -0.62 32.71
C GLY B 38 -1.85 -1.37 31.57
N THR B 39 -3.11 -1.09 31.25
CA THR B 39 -3.78 -1.72 30.11
C THR B 39 -4.46 -0.65 29.26
N PHE B 40 -4.71 -1.00 28.01
CA PHE B 40 -5.45 -0.12 27.12
C PHE B 40 -6.29 -0.94 26.17
N SER B 41 -7.40 -0.36 25.76
CA SER B 41 -8.31 -1.01 24.83
C SER B 41 -8.15 -0.42 23.44
N VAL B 42 -8.31 -1.27 22.44
CA VAL B 42 -8.42 -0.84 21.05
C VAL B 42 -9.77 -1.34 20.55
N TYR B 43 -10.59 -0.40 20.10
CA TYR B 43 -11.93 -0.69 19.61
C TYR B 43 -11.94 -0.54 18.10
N PHE B 44 -12.45 -1.54 17.39
CA PHE B 44 -12.69 -1.40 15.97
C PHE B 44 -14.18 -1.53 15.70
N ARG B 45 -14.66 -0.66 14.83
CA ARG B 45 -15.96 -0.81 14.19
C ARG B 45 -15.73 -0.88 12.70
N HIS B 46 -16.38 -1.82 12.02
CA HIS B 46 -16.36 -1.72 10.58
C HIS B 46 -17.72 -2.13 10.02
N ASP B 47 -18.01 -1.55 8.87
CA ASP B 47 -19.23 -1.74 8.13
C ASP B 47 -18.87 -2.03 6.68
N SER B 48 -19.52 -3.03 6.10
CA SER B 48 -19.27 -3.39 4.71
C SER B 48 -20.59 -3.64 4.01
N THR B 49 -20.64 -3.24 2.74
CA THR B 49 -21.81 -3.48 1.89
C THR B 49 -21.32 -4.08 0.57
N GLY B 50 -21.91 -5.20 0.19
CA GLY B 50 -21.56 -5.83 -1.07
C GLY B 50 -21.38 -7.33 -0.95
N GLN B 51 -20.32 -7.84 -1.57
CA GLN B 51 -20.00 -9.27 -1.56
C GLN B 51 -18.53 -9.43 -1.22
N GLY B 52 -18.23 -10.31 -0.26
CA GLY B 52 -16.86 -10.60 0.11
C GLY B 52 -16.65 -10.66 1.61
N ASP B 53 -15.41 -10.95 2.00
CA ASP B 53 -15.02 -11.12 3.40
C ASP B 53 -14.01 -10.05 3.79
N VAL B 54 -14.16 -9.54 5.00
CA VAL B 54 -13.27 -8.51 5.52
C VAL B 54 -12.87 -8.91 6.93
N SER B 55 -11.72 -8.43 7.36
CA SER B 55 -11.30 -8.64 8.73
C SER B 55 -10.32 -7.56 9.12
N VAL B 56 -10.38 -7.18 10.39
CA VAL B 56 -9.45 -6.21 10.99
CA VAL B 56 -9.45 -6.21 10.99
C VAL B 56 -8.95 -6.80 12.30
N SER B 57 -7.64 -6.69 12.55
CA SER B 57 -7.09 -7.23 13.78
C SER B 57 -5.85 -6.47 14.17
N LEU B 58 -5.44 -6.65 15.42
CA LEU B 58 -4.14 -6.20 15.89
C LEU B 58 -3.15 -7.33 15.73
N VAL B 59 -1.95 -6.99 15.28
CA VAL B 59 -0.88 -7.97 15.03
C VAL B 59 0.45 -7.37 15.44
N PRO B 60 1.45 -8.23 15.70
CA PRO B 60 2.81 -7.74 15.94
C PRO B 60 3.46 -7.28 14.64
N PRO B 61 4.52 -6.49 14.74
CA PRO B 61 5.20 -6.03 13.50
C PRO B 61 5.74 -7.17 12.66
N THR B 62 5.98 -8.34 13.24
CA THR B 62 6.53 -9.45 12.49
C THR B 62 5.50 -10.15 11.61
N LYS B 63 4.23 -9.77 11.72
CA LYS B 63 3.18 -10.36 10.91
C LYS B 63 3.49 -10.15 9.44
N ILE B 64 3.63 -11.25 8.70
CA ILE B 64 3.88 -11.19 7.26
C ILE B 64 2.60 -10.80 6.55
N VAL B 65 2.71 -9.83 5.64
CA VAL B 65 1.59 -9.41 4.80
C VAL B 65 1.49 -10.42 3.64
N GLU B 66 0.38 -11.17 3.61
CA GLU B 66 0.20 -12.21 2.60
C GLU B 66 -1.28 -12.53 2.48
N PHE B 67 -1.65 -13.08 1.33
CA PHE B 67 -2.99 -13.63 1.16
C PHE B 67 -3.07 -15.01 1.83
N ASP B 68 -4.25 -15.31 2.37
CA ASP B 68 -4.42 -16.47 3.23
C ASP B 68 -5.88 -16.86 3.23
N LEU B 69 -6.16 -18.13 2.93
CA LEU B 69 -7.54 -18.63 2.98
C LEU B 69 -8.03 -18.87 4.40
N ALA B 70 -7.15 -18.83 5.40
CA ALA B 70 -7.55 -19.09 6.77
C ALA B 70 -8.20 -17.86 7.38
N GLN B 71 -9.09 -18.11 8.35
CA GLN B 71 -9.83 -17.04 9.01
C GLN B 71 -8.90 -16.15 9.83
N SER B 80 -0.86 -14.08 21.88
CA SER B 80 -1.02 -15.10 22.92
C SER B 80 -0.08 -14.82 24.10
N LYS B 81 1.14 -15.33 24.01
CA LYS B 81 2.13 -15.15 25.08
C LYS B 81 3.09 -14.01 24.78
N SER B 82 3.68 -13.98 23.58
CA SER B 82 4.55 -12.88 23.21
C SER B 82 3.74 -11.62 22.88
N PHE B 83 2.65 -11.77 22.12
CA PHE B 83 1.81 -10.63 21.75
C PHE B 83 0.82 -10.36 22.87
N ASN B 84 0.87 -9.16 23.44
CA ASN B 84 0.12 -8.86 24.66
C ASN B 84 -1.16 -8.07 24.38
N CYS B 85 -1.79 -8.33 23.24
CA CYS B 85 -3.15 -7.88 22.93
C CYS B 85 -4.01 -9.09 22.64
N ARG B 86 -5.23 -9.10 23.17
CA ARG B 86 -6.17 -10.17 22.91
C ARG B 86 -7.59 -9.61 22.81
N ILE B 87 -8.42 -10.29 22.00
CA ILE B 87 -9.82 -9.91 21.91
C ILE B 87 -10.51 -10.27 23.22
N GLU B 88 -11.27 -9.34 23.77
CA GLU B 88 -12.13 -9.67 24.88
C GLU B 88 -13.60 -9.72 24.51
N TYR B 89 -14.03 -8.98 23.50
CA TYR B 89 -15.44 -8.99 23.11
C TYR B 89 -15.56 -8.72 21.62
N GLU B 90 -16.52 -9.37 20.99
CA GLU B 90 -16.73 -9.22 19.56
C GLU B 90 -18.21 -9.40 19.28
N LYS B 91 -18.75 -8.54 18.41
CA LYS B 91 -20.16 -8.57 18.06
C LYS B 91 -20.25 -8.29 16.57
N VAL B 92 -20.91 -9.17 15.84
CA VAL B 92 -21.02 -9.08 14.39
C VAL B 92 -22.48 -9.27 14.00
N ASP B 93 -22.99 -8.37 13.17
CA ASP B 93 -24.36 -8.45 12.66
C ASP B 93 -24.29 -8.42 11.15
N LYS B 94 -24.86 -9.42 10.51
CA LYS B 94 -24.79 -9.58 9.07
C LYS B 94 -26.19 -9.78 8.51
N ALA B 95 -26.55 -8.98 7.51
CA ALA B 95 -27.85 -9.06 6.86
C ALA B 95 -27.62 -9.34 5.39
N THR B 96 -28.27 -10.39 4.88
CA THR B 96 -28.08 -10.85 3.52
C THR B 96 -29.41 -10.78 2.79
N LYS B 97 -29.43 -10.06 1.67
CA LYS B 97 -30.57 -10.02 0.76
C LYS B 97 -30.23 -10.91 -0.44
N ASN B 98 -31.01 -11.95 -0.64
CA ASN B 98 -30.78 -12.91 -1.72
C ASN B 98 -31.83 -12.70 -2.79
N THR B 99 -31.38 -12.46 -4.02
CA THR B 99 -32.30 -12.27 -5.14
C THR B 99 -31.73 -13.00 -6.35
N LEU B 100 -32.60 -13.24 -7.33
CA LEU B 100 -32.18 -13.85 -8.57
C LEU B 100 -31.47 -12.79 -9.41
N CYS B 101 -30.23 -13.05 -9.80
CA CYS B 101 -29.57 -12.22 -10.79
C CYS B 101 -30.49 -12.07 -11.99
N ASN B 102 -30.58 -10.84 -12.50
CA ASN B 102 -31.37 -10.61 -13.69
C ASN B 102 -30.53 -10.49 -14.95
N TYR B 103 -29.19 -10.46 -14.82
CA TYR B 103 -28.35 -10.81 -15.95
C TYR B 103 -28.45 -12.31 -16.26
N ASP B 104 -28.98 -13.10 -15.32
CA ASP B 104 -29.12 -14.53 -15.48
C ASP B 104 -29.92 -15.10 -14.31
N PRO B 105 -31.26 -15.11 -14.38
CA PRO B 105 -32.08 -15.66 -13.30
C PRO B 105 -31.85 -17.16 -13.08
N THR B 108 -27.81 -16.76 -8.67
CA THR B 108 -28.22 -16.05 -7.46
C THR B 108 -27.30 -14.87 -7.19
N CYS B 109 -27.89 -13.68 -7.08
CA CYS B 109 -27.16 -12.48 -6.68
C CYS B 109 -27.56 -12.10 -5.27
N TYR B 110 -26.59 -11.58 -4.51
CA TYR B 110 -26.83 -11.25 -3.11
C TYR B 110 -26.07 -9.99 -2.74
N GLN B 111 -26.62 -9.30 -1.75
CA GLN B 111 -25.99 -8.13 -1.14
C GLN B 111 -25.91 -8.37 0.35
N GLU B 112 -24.71 -8.23 0.90
CA GLU B 112 -24.48 -8.41 2.33
C GLU B 112 -24.17 -7.08 2.98
N GLN B 113 -24.78 -6.85 4.14
CA GLN B 113 -24.50 -5.70 4.99
C GLN B 113 -23.97 -6.23 6.32
N THR B 114 -22.75 -5.85 6.66
CA THR B 114 -22.07 -6.37 7.85
C THR B 114 -21.68 -5.21 8.75
N GLN B 115 -21.93 -5.35 10.04
CA GLN B 115 -21.49 -4.37 11.02
C GLN B 115 -20.88 -5.12 12.19
N SER B 116 -19.64 -4.77 12.53
CA SER B 116 -18.90 -5.44 13.57
C SER B 116 -18.36 -4.44 14.58
N HIS B 117 -18.19 -4.93 15.81
CA HIS B 117 -17.52 -4.18 16.87
C HIS B 117 -16.64 -5.17 17.61
N VAL B 118 -15.36 -4.84 17.78
CA VAL B 118 -14.42 -5.72 18.45
CA VAL B 118 -14.42 -5.72 18.45
C VAL B 118 -13.65 -4.88 19.48
N SER B 119 -13.49 -5.43 20.67
N SER B 119 -13.50 -5.43 20.67
CA SER B 119 -12.74 -4.80 21.75
CA SER B 119 -12.72 -4.79 21.73
C SER B 119 -11.48 -5.62 22.02
C SER B 119 -11.48 -5.61 22.00
N TRP B 120 -10.31 -5.01 21.80
CA TRP B 120 -9.03 -5.62 22.13
C TRP B 120 -8.54 -5.04 23.44
N LEU B 121 -7.93 -5.88 24.27
CA LEU B 121 -7.32 -5.42 25.51
C LEU B 121 -5.83 -5.73 25.43
N CYS B 122 -5.02 -4.68 25.58
CA CYS B 122 -3.57 -4.78 25.47
C CYS B 122 -2.93 -4.44 26.80
N SER B 123 -1.85 -5.13 27.12
CA SER B 123 -1.06 -4.86 28.32
C SER B 123 0.06 -3.90 27.98
N LYS B 124 0.21 -2.88 28.82
CA LYS B 124 0.98 -1.70 28.43
C LYS B 124 2.50 -1.84 28.44
N PRO B 125 3.11 -2.83 29.12
CA PRO B 125 4.57 -2.93 29.03
C PRO B 125 5.12 -2.98 27.61
N PHE B 126 4.26 -3.09 26.58
CA PHE B 126 4.69 -3.04 25.19
C PHE B 126 3.63 -2.30 24.38
N LYS B 127 4.07 -1.56 23.35
CA LYS B 127 3.16 -0.67 22.65
C LYS B 127 3.33 -0.61 21.13
N VAL B 128 4.31 -1.30 20.54
CA VAL B 128 4.48 -1.24 19.09
C VAL B 128 3.51 -2.23 18.45
N ILE B 129 2.30 -1.75 18.12
CA ILE B 129 1.22 -2.59 17.66
C ILE B 129 0.80 -2.15 16.27
N CYS B 130 0.33 -3.11 15.47
CA CYS B 130 -0.05 -2.86 14.08
C CYS B 130 -1.46 -3.33 13.81
N ILE B 131 -2.08 -2.67 12.84
CA ILE B 131 -3.45 -2.95 12.41
C ILE B 131 -3.37 -3.69 11.09
N TYR B 132 -4.08 -4.81 11.02
CA TYR B 132 -4.02 -5.68 9.85
C TYR B 132 -5.43 -5.84 9.28
N ILE B 133 -5.58 -5.53 8.00
CA ILE B 133 -6.87 -5.50 7.33
C ILE B 133 -6.82 -6.40 6.12
N SER B 134 -7.83 -7.26 5.97
N SER B 134 -7.82 -7.27 5.97
CA SER B 134 -7.96 -8.15 4.83
CA SER B 134 -7.92 -8.13 4.80
C SER B 134 -9.27 -7.86 4.11
C SER B 134 -9.27 -7.89 4.12
N PHE B 135 -9.26 -7.98 2.80
CA PHE B 135 -10.40 -7.58 1.97
C PHE B 135 -10.44 -8.54 0.78
N TYR B 136 -11.44 -9.41 0.75
CA TYR B 136 -11.57 -10.41 -0.31
C TYR B 136 -12.96 -10.24 -0.92
N SER B 137 -13.02 -9.58 -2.08
CA SER B 137 -14.27 -9.38 -2.80
C SER B 137 -14.30 -10.30 -4.02
N THR B 138 -15.26 -10.06 -4.91
CA THR B 138 -15.40 -10.87 -6.11
C THR B 138 -14.59 -10.32 -7.28
N ASP B 139 -14.05 -9.11 -7.17
CA ASP B 139 -13.20 -8.56 -8.22
C ASP B 139 -11.76 -8.32 -7.79
N TYR B 140 -11.52 -7.96 -6.52
CA TYR B 140 -10.16 -7.72 -6.06
C TYR B 140 -10.00 -8.21 -4.64
N LYS B 141 -8.74 -8.41 -4.25
CA LYS B 141 -8.40 -8.73 -2.88
C LYS B 141 -7.20 -7.90 -2.44
N LEU B 142 -7.15 -7.62 -1.14
CA LEU B 142 -6.14 -6.71 -0.62
C LEU B 142 -5.90 -7.01 0.85
N VAL B 143 -4.63 -7.04 1.23
CA VAL B 143 -4.24 -7.12 2.62
C VAL B 143 -3.31 -5.96 2.90
N GLN B 144 -3.44 -5.36 4.07
CA GLN B 144 -2.57 -4.25 4.43
C GLN B 144 -2.28 -4.27 5.92
N LYS B 145 -1.05 -3.88 6.24
CA LYS B 145 -0.57 -3.76 7.61
C LYS B 145 -0.17 -2.32 7.86
N VAL B 146 -0.73 -1.73 8.91
CA VAL B 146 -0.45 -0.35 9.29
C VAL B 146 0.15 -0.37 10.68
N CYS B 147 1.38 0.15 10.81
CA CYS B 147 2.09 0.25 12.09
C CYS B 147 2.33 1.73 12.36
N PRO B 148 1.39 2.42 12.99
CA PRO B 148 1.49 3.89 13.06
C PRO B 148 2.69 4.40 13.82
N ASP B 149 3.17 3.70 14.85
CA ASP B 149 4.33 4.15 15.60
C ASP B 149 5.53 3.23 15.44
N TYR B 150 5.61 2.53 14.31
CA TYR B 150 6.71 1.59 14.08
C TYR B 150 8.05 2.24 14.40
N ASN B 151 8.28 3.45 13.89
CA ASN B 151 9.57 4.08 14.08
C ASN B 151 9.84 4.44 15.54
N TYR B 152 8.91 4.14 16.45
CA TYR B 152 9.16 4.24 17.88
C TYR B 152 9.50 2.84 18.45
#